data_5SSY
#
_entry.id   5SSY
#
_cell.length_a   43.475
_cell.length_b   61.731
_cell.length_c   109.719
_cell.angle_alpha   90.000
_cell.angle_beta   90.000
_cell.angle_gamma   90.000
#
_symmetry.space_group_name_H-M   'P 2 21 21'
#
loop_
_entity.id
_entity.type
_entity.pdbx_description
1 polymer 'Formylglycine-generating enzyme'
2 non-polymer 'COPPER (I) ION'
3 non-polymer 2-acetamido-2-deoxy-beta-D-glucopyranose
4 non-polymer 'CALCIUM ION'
5 non-polymer 'methyl N-acetyl-L-cysteinate'
6 water water
#
_entity_poly.entity_id   1
_entity_poly.type   'polypeptide(L)'
_entity_poly.pdbx_seq_one_letter_code
;ADLGSSMEFEANAPGPVPGERQLAHSKMVPIPAGVFTMGTDDPQIKQDGEAPARRVTIDAFYMDAYEVSNTEFEKFVNST
GYLTEAEKFGDSFVFEGMLSEQVKTNIQQAVAAAPWWLPVKGANWRHPEGPDSTILHRPDHPVLHVSWNDAVAYCTWAGK
RLPTEAEWEYSCRGGLHNRLFPWGNKLQPKGQHYANIWQGEFPVTNTGEDGFQGTAPVDAFPPNGYGLYNIVGNAWEWTS
DWWTVHHSVEETLNPKGPPSGKDRVKKGGSYMCHRSYCYRYRCAARSQNTPDSSASNLGFRCAADRLPTMDSGRGSHHHH
HHH
;
_entity_poly.pdbx_strand_id   A
#
# COMPACT_ATOMS: atom_id res chain seq x y z
N ALA A 24 -18.18 7.13 -2.30
CA ALA A 24 -17.18 7.88 -3.06
C ALA A 24 -15.78 7.31 -2.83
N HIS A 25 -15.61 6.02 -3.09
CA HIS A 25 -14.35 5.35 -2.78
C HIS A 25 -13.25 5.65 -3.80
N SER A 26 -13.48 6.56 -4.74
CA SER A 26 -12.40 7.03 -5.62
C SER A 26 -12.02 8.47 -5.33
N LYS A 27 -12.54 9.05 -4.26
CA LYS A 27 -12.26 10.45 -3.97
C LYS A 27 -10.80 10.65 -3.58
N MET A 28 -10.29 11.83 -3.89
CA MET A 28 -8.93 12.20 -3.56
C MET A 28 -8.94 13.36 -2.57
N VAL A 29 -7.82 13.49 -1.86
CA VAL A 29 -7.62 14.59 -0.92
C VAL A 29 -6.42 15.42 -1.37
N PRO A 30 -6.44 16.74 -1.16
CA PRO A 30 -5.27 17.55 -1.47
C PRO A 30 -4.18 17.36 -0.43
N ILE A 31 -3.00 16.99 -0.89
CA ILE A 31 -1.81 16.89 -0.05
C ILE A 31 -1.05 18.21 -0.20
N PRO A 32 -0.82 18.96 0.88
CA PRO A 32 -0.23 20.29 0.75
C PRO A 32 1.25 20.22 0.41
N ALA A 33 1.72 21.25 -0.29
CA ALA A 33 3.15 21.40 -0.54
C ALA A 33 3.90 21.50 0.79
N GLY A 34 5.10 20.93 0.84
CA GLY A 34 5.87 21.06 2.05
C GLY A 34 7.19 20.34 1.94
N VAL A 35 7.94 20.41 3.04
CA VAL A 35 9.22 19.73 3.19
C VAL A 35 9.08 18.78 4.37
N PHE A 36 9.63 17.57 4.23
CA PHE A 36 9.53 16.59 5.30
C PHE A 36 10.81 15.77 5.35
N THR A 37 10.97 15.05 6.46
CA THR A 37 12.08 14.13 6.63
C THR A 37 11.61 12.75 6.18
N MET A 38 12.18 12.28 5.08
CA MET A 38 11.96 10.95 4.59
C MET A 38 13.00 10.01 5.19
N GLY A 39 12.59 8.78 5.49
CA GLY A 39 13.49 7.86 6.17
C GLY A 39 13.63 8.19 7.65
N THR A 40 14.65 7.58 8.26
CA THR A 40 14.85 7.73 9.69
C THR A 40 16.31 7.46 10.01
N ASP A 41 16.86 8.25 10.93
CA ASP A 41 18.17 7.97 11.49
C ASP A 41 18.11 6.95 12.61
N ASP A 42 16.92 6.44 12.94
CA ASP A 42 16.74 5.33 13.87
C ASP A 42 16.04 4.20 13.12
N PRO A 43 16.69 3.61 12.11
CA PRO A 43 16.01 2.56 11.33
C PRO A 43 15.74 1.32 12.15
N GLN A 44 14.59 0.70 11.91
CA GLN A 44 14.23 -0.54 12.58
C GLN A 44 14.54 -1.79 11.77
N ILE A 45 14.55 -1.67 10.45
CA ILE A 45 15.00 -2.74 9.55
C ILE A 45 16.08 -2.11 8.69
N LYS A 46 17.34 -2.20 9.13
CA LYS A 46 18.42 -1.48 8.45
C LYS A 46 18.62 -1.99 7.03
N GLN A 47 18.39 -3.29 6.79
CA GLN A 47 18.62 -3.85 5.47
C GLN A 47 17.74 -3.21 4.41
N ASP A 48 16.62 -2.61 4.80
CA ASP A 48 15.67 -2.04 3.85
C ASP A 48 16.01 -0.60 3.45
N GLY A 49 17.14 -0.07 3.89
CA GLY A 49 17.46 1.31 3.54
C GLY A 49 16.48 2.32 4.08
N GLU A 50 16.02 2.12 5.33
CA GLU A 50 15.20 3.11 5.99
C GLU A 50 16.01 4.36 6.33
N ALA A 51 17.31 4.21 6.47
CA ALA A 51 18.26 5.28 6.74
C ALA A 51 19.04 5.60 5.48
N PRO A 52 19.62 6.80 5.37
CA PRO A 52 19.58 7.91 6.33
C PRO A 52 18.31 8.75 6.19
N ALA A 53 17.95 9.48 7.24
CA ALA A 53 16.91 10.49 7.13
C ALA A 53 17.40 11.62 6.23
N ARG A 54 16.48 12.16 5.44
CA ARG A 54 16.84 13.18 4.45
C ARG A 54 15.64 14.10 4.24
N ARG A 55 15.93 15.38 3.98
CA ARG A 55 14.89 16.38 3.81
C ARG A 55 14.45 16.42 2.36
N VAL A 56 13.14 16.24 2.13
CA VAL A 56 12.57 16.15 0.79
C VAL A 56 11.46 17.19 0.66
N THR A 57 11.46 17.91 -0.46
CA THR A 57 10.41 18.89 -0.78
C THR A 57 9.47 18.27 -1.80
N ILE A 58 8.17 18.36 -1.51
CA ILE A 58 7.12 17.77 -2.33
C ILE A 58 6.17 18.90 -2.73
N ASP A 59 5.90 19.01 -4.03
CA ASP A 59 4.88 19.96 -4.48
C ASP A 59 3.48 19.45 -4.15
N ALA A 60 2.55 20.39 -4.00
CA ALA A 60 1.16 20.04 -3.72
C ALA A 60 0.63 19.11 -4.79
N PHE A 61 -0.16 18.12 -4.38
CA PHE A 61 -0.73 17.14 -5.31
C PHE A 61 -1.95 16.51 -4.65
N TYR A 62 -2.53 15.49 -5.29
CA TYR A 62 -3.71 14.81 -4.79
C TYR A 62 -3.42 13.34 -4.57
N MET A 63 -3.97 12.76 -3.50
CA MET A 63 -3.80 11.36 -3.20
C MET A 63 -5.17 10.73 -2.94
N ASP A 64 -5.37 9.50 -3.43
CA ASP A 64 -6.61 8.78 -3.16
C ASP A 64 -6.76 8.64 -1.65
N ALA A 65 -7.97 8.95 -1.13
CA ALA A 65 -8.23 8.77 0.29
C ALA A 65 -8.20 7.30 0.69
N TYR A 66 -8.53 6.41 -0.24
CA TYR A 66 -8.72 5.00 0.03
C TYR A 66 -7.85 4.18 -0.90
N GLU A 67 -7.40 3.02 -0.41
CA GLU A 67 -6.92 1.98 -1.32
C GLU A 67 -7.99 1.72 -2.37
N VAL A 68 -7.56 1.34 -3.57
CA VAL A 68 -8.52 0.99 -4.60
C VAL A 68 -9.28 -0.27 -4.17
N SER A 69 -10.60 -0.22 -4.21
CA SER A 69 -11.42 -1.33 -3.76
C SER A 69 -11.77 -2.27 -4.90
N ASN A 70 -12.33 -3.42 -4.52
CA ASN A 70 -12.79 -4.38 -5.52
C ASN A 70 -13.82 -3.76 -6.45
N THR A 71 -14.75 -2.97 -5.90
CA THR A 71 -15.77 -2.36 -6.75
C THR A 71 -15.15 -1.36 -7.73
N GLU A 72 -14.22 -0.54 -7.26
CA GLU A 72 -13.58 0.41 -8.15
C GLU A 72 -12.76 -0.30 -9.21
N PHE A 73 -12.04 -1.37 -8.85
CA PHE A 73 -11.28 -2.11 -9.83
C PHE A 73 -12.20 -2.78 -10.84
N GLU A 74 -13.37 -3.24 -10.40
CA GLU A 74 -14.32 -3.87 -11.31
C GLU A 74 -14.83 -2.88 -12.34
N LYS A 75 -15.04 -1.62 -11.95
CA LYS A 75 -15.44 -0.60 -12.92
C LYS A 75 -14.40 -0.47 -14.02
N PHE A 76 -13.13 -0.48 -13.65
CA PHE A 76 -12.04 -0.44 -14.61
C PHE A 76 -12.05 -1.66 -15.53
N VAL A 77 -12.22 -2.86 -14.95
CA VAL A 77 -12.23 -4.08 -15.77
C VAL A 77 -13.46 -4.08 -16.68
N ASN A 78 -14.60 -3.61 -16.17
CA ASN A 78 -15.80 -3.55 -16.99
C ASN A 78 -15.60 -2.61 -18.19
N SER A 79 -14.91 -1.50 -17.97
CA SER A 79 -14.72 -0.50 -19.01
C SER A 79 -13.71 -0.96 -20.07
N THR A 80 -12.64 -1.63 -19.63
CA THR A 80 -11.49 -1.89 -20.49
C THR A 80 -11.35 -3.35 -20.92
N GLY A 81 -11.97 -4.28 -20.21
CA GLY A 81 -11.72 -5.71 -20.44
C GLY A 81 -10.41 -6.20 -19.90
N TYR A 82 -9.72 -5.41 -19.08
CA TYR A 82 -8.36 -5.71 -18.66
C TYR A 82 -8.25 -7.04 -17.92
N LEU A 83 -7.32 -7.86 -18.35
CA LEU A 83 -6.95 -9.10 -17.69
CA LEU A 83 -6.96 -9.10 -17.67
C LEU A 83 -5.68 -8.86 -16.89
N THR A 84 -5.73 -9.12 -15.59
CA THR A 84 -4.58 -8.87 -14.75
C THR A 84 -3.51 -9.91 -15.02
N GLU A 85 -2.28 -9.56 -14.63
CA GLU A 85 -1.17 -10.47 -14.84
C GLU A 85 -1.37 -11.80 -14.12
N ALA A 86 -1.94 -11.78 -12.90
CA ALA A 86 -2.19 -13.05 -12.21
C ALA A 86 -3.17 -13.94 -12.98
N GLU A 87 -4.15 -13.34 -13.65
CA GLU A 87 -5.09 -14.13 -14.42
C GLU A 87 -4.42 -14.76 -15.63
N LYS A 88 -3.50 -14.01 -16.25
CA LYS A 88 -2.79 -14.52 -17.42
C LYS A 88 -1.76 -15.57 -17.04
N PHE A 89 -1.07 -15.38 -15.90
CA PHE A 89 -0.10 -16.38 -15.44
C PHE A 89 -0.80 -17.61 -14.91
N GLY A 90 -2.01 -17.47 -14.40
CA GLY A 90 -2.74 -18.58 -13.81
C GLY A 90 -2.52 -18.81 -12.33
N ASP A 91 -1.72 -17.98 -11.67
CA ASP A 91 -1.51 -18.18 -10.24
C ASP A 91 -1.09 -16.87 -9.59
N SER A 92 -1.14 -16.85 -8.26
CA SER A 92 -0.69 -15.71 -7.46
C SER A 92 -0.40 -16.22 -6.05
N PHE A 93 0.34 -15.42 -5.28
CA PHE A 93 0.74 -15.84 -3.94
C PHE A 93 -0.36 -15.61 -2.91
N VAL A 94 -0.64 -16.65 -2.12
CA VAL A 94 -1.62 -16.61 -1.04
C VAL A 94 -0.97 -17.04 0.25
N PHE A 95 -1.28 -16.32 1.33
CA PHE A 95 -0.84 -16.72 2.66
C PHE A 95 -1.51 -18.04 3.05
N GLU A 96 -0.69 -18.99 3.47
CA GLU A 96 -1.17 -20.35 3.75
C GLU A 96 -2.30 -20.37 4.77
N GLY A 97 -2.26 -19.48 5.75
CA GLY A 97 -3.29 -19.46 6.78
C GLY A 97 -4.69 -19.20 6.27
N MET A 98 -4.81 -18.71 5.04
CA MET A 98 -6.10 -18.38 4.46
C MET A 98 -6.58 -19.42 3.45
N LEU A 99 -5.85 -20.51 3.28
CA LEU A 99 -6.23 -21.50 2.29
C LEU A 99 -7.21 -22.52 2.85
N ALA A 112 8.79 -18.49 -3.64
CA ALA A 112 8.11 -17.93 -2.47
C ALA A 112 9.10 -17.33 -1.49
N ALA A 113 8.73 -16.19 -0.90
CA ALA A 113 9.62 -15.50 0.02
C ALA A 113 9.68 -16.15 1.39
N ALA A 114 8.72 -17.00 1.73
CA ALA A 114 8.66 -17.64 3.04
C ALA A 114 7.78 -18.89 2.93
N PRO A 115 7.92 -19.85 3.85
CA PRO A 115 7.10 -21.07 3.76
C PRO A 115 5.61 -20.81 3.79
N TRP A 116 5.17 -19.68 4.37
CA TRP A 116 3.76 -19.37 4.49
C TRP A 116 3.21 -18.68 3.25
N TRP A 117 4.00 -18.50 2.20
CA TRP A 117 3.54 -17.93 0.93
C TRP A 117 3.53 -19.04 -0.12
N LEU A 118 2.34 -19.33 -0.65
CA LEU A 118 2.16 -20.41 -1.60
C LEU A 118 1.66 -19.86 -2.93
N PRO A 119 2.22 -20.30 -4.05
CA PRO A 119 1.66 -19.94 -5.36
C PRO A 119 0.44 -20.79 -5.61
N VAL A 120 -0.73 -20.16 -5.70
CA VAL A 120 -2.00 -20.87 -5.79
C VAL A 120 -2.56 -20.68 -7.18
N LYS A 121 -2.84 -21.80 -7.85
CA LYS A 121 -3.49 -21.75 -9.16
C LYS A 121 -4.89 -21.17 -9.03
N GLY A 122 -5.22 -20.23 -9.90
CA GLY A 122 -6.54 -19.63 -9.89
C GLY A 122 -6.77 -18.58 -8.83
N ALA A 123 -5.74 -18.21 -8.06
CA ALA A 123 -5.85 -17.08 -7.16
C ALA A 123 -5.58 -15.80 -7.93
N ASN A 124 -6.45 -14.81 -7.74
CA ASN A 124 -6.37 -13.53 -8.44
C ASN A 124 -7.36 -12.58 -7.77
N TRP A 125 -7.51 -11.39 -8.36
CA TRP A 125 -8.30 -10.36 -7.68
C TRP A 125 -9.75 -10.76 -7.44
N ARG A 126 -10.34 -11.55 -8.33
CA ARG A 126 -11.71 -12.01 -8.12
CA ARG A 126 -11.71 -12.01 -8.13
C ARG A 126 -11.80 -13.22 -7.21
N HIS A 127 -10.68 -13.87 -6.92
CA HIS A 127 -10.66 -15.13 -6.17
C HIS A 127 -9.44 -15.10 -5.27
N PRO A 128 -9.49 -14.30 -4.21
CA PRO A 128 -8.26 -13.92 -3.50
C PRO A 128 -7.58 -15.06 -2.75
N GLU A 129 -8.27 -16.15 -2.43
CA GLU A 129 -7.67 -17.30 -1.79
C GLU A 129 -7.70 -18.54 -2.67
N GLY A 130 -7.94 -18.38 -3.97
CA GLY A 130 -8.02 -19.50 -4.87
C GLY A 130 -9.37 -19.62 -5.53
N PRO A 131 -9.52 -20.63 -6.40
CA PRO A 131 -10.67 -20.64 -7.32
C PRO A 131 -12.04 -20.71 -6.66
N ASP A 132 -12.13 -21.18 -5.42
CA ASP A 132 -13.43 -21.28 -4.76
C ASP A 132 -13.76 -20.08 -3.88
N SER A 133 -12.81 -19.16 -3.68
CA SER A 133 -13.09 -17.94 -2.95
C SER A 133 -13.75 -16.92 -3.88
N THR A 134 -14.34 -15.90 -3.26
CA THR A 134 -15.08 -14.90 -4.02
C THR A 134 -14.93 -13.55 -3.35
N ILE A 135 -15.17 -12.50 -4.14
CA ILE A 135 -15.21 -11.14 -3.61
C ILE A 135 -16.64 -10.61 -3.47
N LEU A 136 -17.66 -11.45 -3.69
CA LEU A 136 -19.02 -10.93 -3.68
CA LEU A 136 -19.05 -11.00 -3.66
C LEU A 136 -19.42 -10.35 -2.32
N HIS A 137 -18.87 -10.87 -1.23
CA HIS A 137 -19.20 -10.38 0.11
C HIS A 137 -18.27 -9.27 0.60
N ARG A 138 -17.29 -8.90 -0.21
CA ARG A 138 -16.32 -7.88 0.23
C ARG A 138 -16.07 -6.88 -0.89
N PRO A 139 -17.12 -6.28 -1.46
CA PRO A 139 -16.91 -5.36 -2.59
C PRO A 139 -16.12 -4.14 -2.20
N ASP A 140 -16.21 -3.72 -0.93
CA ASP A 140 -15.57 -2.50 -0.47
C ASP A 140 -14.21 -2.73 0.16
N HIS A 141 -13.68 -3.95 0.07
CA HIS A 141 -12.33 -4.22 0.54
C HIS A 141 -11.32 -3.89 -0.55
N PRO A 142 -10.05 -3.68 -0.19
CA PRO A 142 -9.05 -3.35 -1.22
C PRO A 142 -8.86 -4.50 -2.21
N VAL A 143 -8.69 -4.13 -3.47
CA VAL A 143 -8.39 -5.14 -4.47
C VAL A 143 -7.01 -5.71 -4.21
N LEU A 144 -6.87 -7.01 -4.39
CA LEU A 144 -5.63 -7.73 -4.11
C LEU A 144 -5.17 -8.44 -5.37
N HIS A 145 -3.97 -9.04 -5.32
CA HIS A 145 -3.42 -9.79 -6.45
C HIS A 145 -3.27 -8.92 -7.69
N VAL A 146 -2.99 -7.63 -7.48
CA VAL A 146 -2.69 -6.71 -8.56
C VAL A 146 -1.18 -6.46 -8.60
N SER A 147 -0.61 -6.62 -9.78
CA SER A 147 0.80 -6.34 -10.00
C SER A 147 1.02 -4.83 -10.16
N TRP A 148 2.30 -4.45 -10.22
CA TRP A 148 2.62 -3.05 -10.47
C TRP A 148 2.06 -2.60 -11.81
N ASN A 149 2.17 -3.44 -12.83
CA ASN A 149 1.60 -3.10 -14.13
C ASN A 149 0.09 -3.00 -14.07
N ASP A 150 -0.59 -3.90 -13.35
CA ASP A 150 -2.03 -3.77 -13.19
C ASP A 150 -2.38 -2.43 -12.55
N ALA A 151 -1.61 -2.04 -11.53
CA ALA A 151 -1.90 -0.80 -10.80
C ALA A 151 -1.72 0.42 -11.68
N VAL A 152 -0.65 0.45 -12.47
CA VAL A 152 -0.40 1.55 -13.39
C VAL A 152 -1.53 1.64 -14.42
N ALA A 153 -1.95 0.49 -14.95
CA ALA A 153 -3.08 0.47 -15.87
C ALA A 153 -4.32 1.07 -15.24
N TYR A 154 -4.67 0.64 -14.02
CA TYR A 154 -5.84 1.21 -13.36
C TYR A 154 -5.69 2.70 -13.17
N CYS A 155 -4.56 3.14 -12.58
CA CYS A 155 -4.45 4.55 -12.24
C CYS A 155 -4.47 5.42 -13.47
N THR A 156 -3.80 4.97 -14.54
CA THR A 156 -3.82 5.76 -15.77
CA THR A 156 -3.81 5.74 -15.78
C THR A 156 -5.21 5.79 -16.38
N TRP A 157 -5.95 4.67 -16.34
CA TRP A 157 -7.32 4.67 -16.81
C TRP A 157 -8.16 5.71 -16.05
N ALA A 158 -7.91 5.85 -14.74
CA ALA A 158 -8.65 6.78 -13.89
C ALA A 158 -8.20 8.22 -14.03
N GLY A 159 -7.28 8.52 -14.93
CA GLY A 159 -6.74 9.86 -15.05
C GLY A 159 -5.73 10.20 -14.00
N LYS A 160 -5.10 9.19 -13.40
CA LYS A 160 -4.22 9.38 -12.25
C LYS A 160 -2.90 8.65 -12.56
N ARG A 161 -2.14 8.38 -11.50
CA ARG A 161 -0.86 7.69 -11.60
C ARG A 161 -0.57 7.09 -10.25
N LEU A 162 0.47 6.25 -10.18
CA LEU A 162 0.97 5.82 -8.89
C LEU A 162 1.70 6.98 -8.21
N PRO A 163 1.64 7.07 -6.88
CA PRO A 163 2.50 8.02 -6.17
C PRO A 163 3.94 7.55 -6.20
N THR A 164 4.88 8.50 -6.13
CA THR A 164 6.26 8.14 -5.87
C THR A 164 6.40 7.70 -4.41
N GLU A 165 7.54 7.08 -4.10
CA GLU A 165 7.75 6.68 -2.71
C GLU A 165 7.76 7.90 -1.79
N ALA A 166 8.40 8.99 -2.23
CA ALA A 166 8.46 10.19 -1.39
C ALA A 166 7.07 10.80 -1.18
N GLU A 167 6.26 10.88 -2.25
CA GLU A 167 4.89 11.36 -2.10
C GLU A 167 4.09 10.47 -1.17
N TRP A 168 4.23 9.16 -1.35
CA TRP A 168 3.52 8.22 -0.50
C TRP A 168 3.91 8.40 0.96
N GLU A 169 5.22 8.49 1.24
CA GLU A 169 5.66 8.57 2.63
C GLU A 169 5.25 9.88 3.28
N TYR A 170 5.43 10.98 2.54
CA TYR A 170 4.96 12.29 3.00
C TYR A 170 3.48 12.23 3.37
N SER A 171 2.67 11.64 2.49
CA SER A 171 1.23 11.53 2.73
CA SER A 171 1.23 11.55 2.74
C SER A 171 0.95 10.64 3.93
N CYS A 172 1.67 9.51 4.04
CA CYS A 172 1.49 8.63 5.17
C CYS A 172 1.71 9.37 6.48
N ARG A 173 2.74 10.20 6.55
CA ARG A 173 3.09 10.89 7.78
C ARG A 173 2.02 11.90 8.22
N GLY A 174 1.16 12.34 7.32
CA GLY A 174 -0.02 13.09 7.70
C GLY A 174 0.26 14.36 8.46
N GLY A 175 1.35 15.05 8.13
CA GLY A 175 1.72 16.34 8.69
C GLY A 175 2.46 16.26 10.01
N LEU A 176 2.85 15.07 10.46
CA LEU A 176 3.61 14.90 11.67
C LEU A 176 5.07 14.62 11.33
N HIS A 177 5.97 15.00 12.21
CA HIS A 177 7.40 14.91 11.96
C HIS A 177 8.03 13.75 12.74
N ASN A 178 8.70 12.85 12.02
CA ASN A 178 9.56 11.83 12.63
CA ASN A 178 9.56 11.82 12.62
C ASN A 178 8.79 10.86 13.53
N ARG A 179 7.54 10.58 13.21
CA ARG A 179 6.74 9.64 13.99
C ARG A 179 6.79 8.25 13.35
N LEU A 180 6.54 7.24 14.18
CA LEU A 180 6.51 5.86 13.68
C LEU A 180 5.35 5.64 12.72
N PHE A 181 4.17 6.11 13.08
CA PHE A 181 2.92 5.80 12.43
C PHE A 181 2.26 7.10 11.97
N PRO A 182 1.28 7.00 11.07
CA PRO A 182 0.58 8.21 10.60
C PRO A 182 0.02 9.06 11.71
N TRP A 183 -0.28 8.46 12.86
CA TRP A 183 -0.95 9.14 13.96
C TRP A 183 -0.02 9.49 15.11
N GLY A 184 1.21 9.01 15.12
CA GLY A 184 2.09 9.25 16.25
C GLY A 184 2.96 8.04 16.53
N ASN A 185 3.39 7.91 17.79
CA ASN A 185 4.34 6.87 18.17
C ASN A 185 3.71 5.70 18.93
N LYS A 186 2.47 5.81 19.39
CA LYS A 186 1.82 4.73 20.11
CA LYS A 186 1.82 4.73 20.11
C LYS A 186 1.01 3.88 19.14
N LEU A 187 1.18 2.56 19.22
CA LEU A 187 0.45 1.66 18.32
C LEU A 187 -1.06 1.80 18.51
N GLN A 188 -1.52 1.86 19.77
CA GLN A 188 -2.93 1.91 20.12
C GLN A 188 -3.21 3.18 20.90
N PRO A 189 -3.26 4.33 20.22
CA PRO A 189 -3.52 5.59 20.95
C PRO A 189 -4.88 5.55 21.62
N LYS A 190 -4.90 5.94 22.90
CA LYS A 190 -6.13 5.96 23.69
C LYS A 190 -6.80 4.59 23.79
N GLY A 191 -6.00 3.52 23.67
CA GLY A 191 -6.54 2.18 23.71
C GLY A 191 -7.33 1.75 22.49
N GLN A 192 -7.18 2.43 21.36
CA GLN A 192 -7.95 2.17 20.16
CA GLN A 192 -7.95 2.14 20.16
C GLN A 192 -7.05 1.65 19.04
N HIS A 193 -7.56 0.73 18.24
CA HIS A 193 -6.83 0.27 17.07
C HIS A 193 -6.95 1.29 15.94
N TYR A 194 -5.81 1.65 15.35
CA TYR A 194 -5.78 2.64 14.30
C TYR A 194 -5.44 2.09 12.92
N ALA A 195 -5.17 0.78 12.81
CA ALA A 195 -4.83 0.18 11.53
C ALA A 195 -5.06 -1.32 11.62
N ASN A 196 -5.22 -1.94 10.46
CA ASN A 196 -5.50 -3.37 10.36
C ASN A 196 -4.18 -4.10 10.15
N ILE A 197 -3.65 -4.66 11.24
CA ILE A 197 -2.47 -5.52 11.18
C ILE A 197 -2.76 -6.82 11.91
N TRP A 198 -1.74 -7.58 12.28
CA TRP A 198 -1.96 -8.87 12.92
C TRP A 198 -1.89 -8.72 14.44
N GLN A 199 -2.81 -9.38 15.14
CA GLN A 199 -2.66 -9.58 16.57
C GLN A 199 -2.61 -11.07 16.89
N GLY A 200 -1.80 -11.43 17.88
CA GLY A 200 -1.53 -12.81 18.22
C GLY A 200 -0.17 -13.27 17.71
N GLU A 201 0.13 -14.55 17.99
CA GLU A 201 1.40 -15.15 17.58
C GLU A 201 1.36 -15.50 16.09
N PHE A 202 2.11 -14.77 15.28
CA PHE A 202 2.18 -15.11 13.86
C PHE A 202 3.12 -16.28 13.66
N PRO A 203 2.75 -17.27 12.82
CA PRO A 203 1.55 -17.31 11.97
C PRO A 203 0.45 -18.21 12.50
N VAL A 204 0.53 -18.66 13.76
CA VAL A 204 -0.37 -19.68 14.24
C VAL A 204 -1.76 -19.14 14.61
N THR A 205 -1.82 -17.91 15.12
CA THR A 205 -3.07 -17.37 15.65
C THR A 205 -3.15 -15.90 15.29
N ASN A 206 -4.20 -15.50 14.58
CA ASN A 206 -4.53 -14.09 14.38
C ASN A 206 -5.84 -13.87 15.12
N THR A 207 -5.80 -13.11 16.21
CA THR A 207 -6.99 -13.05 17.04
C THR A 207 -8.10 -12.20 16.46
N GLY A 208 -7.79 -11.35 15.49
CA GLY A 208 -8.81 -10.44 15.00
C GLY A 208 -9.22 -9.40 16.00
N GLU A 209 -8.34 -9.10 16.97
CA GLU A 209 -8.66 -8.09 17.98
C GLU A 209 -9.02 -6.75 17.35
N ASP A 210 -8.36 -6.37 16.25
CA ASP A 210 -8.64 -5.08 15.61
C ASP A 210 -9.93 -5.09 14.78
N GLY A 211 -10.63 -6.22 14.73
CA GLY A 211 -11.88 -6.32 14.02
C GLY A 211 -11.81 -7.05 12.70
N PHE A 212 -10.62 -7.42 12.23
CA PHE A 212 -10.44 -7.98 10.89
C PHE A 212 -9.26 -8.94 10.87
N GLN A 213 -9.51 -10.19 10.52
CA GLN A 213 -8.40 -11.13 10.32
C GLN A 213 -7.78 -10.95 8.95
N GLY A 214 -8.60 -10.86 7.91
CA GLY A 214 -8.09 -10.52 6.60
C GLY A 214 -8.21 -9.02 6.40
N THR A 215 -8.58 -8.62 5.18
CA THR A 215 -8.76 -7.21 4.88
C THR A 215 -9.97 -6.63 5.61
N ALA A 216 -9.97 -5.32 5.69
CA ALA A 216 -11.06 -4.50 6.19
C ALA A 216 -11.55 -3.64 5.03
N PRO A 217 -12.77 -3.10 5.10
CA PRO A 217 -13.21 -2.13 4.08
C PRO A 217 -12.21 -0.99 3.91
N VAL A 218 -12.14 -0.45 2.70
CA VAL A 218 -11.17 0.60 2.43
C VAL A 218 -11.40 1.85 3.28
N ASP A 219 -12.60 2.03 3.83
CA ASP A 219 -12.89 3.20 4.65
C ASP A 219 -12.90 2.89 6.14
N ALA A 220 -12.33 1.76 6.55
CA ALA A 220 -12.24 1.40 7.96
C ALA A 220 -11.11 2.16 8.65
N PHE A 221 -11.23 2.28 9.98
CA PHE A 221 -10.22 2.87 10.85
C PHE A 221 -10.14 4.38 10.68
N PRO A 222 -9.47 5.10 11.60
CA PRO A 222 -9.45 6.56 11.50
C PRO A 222 -8.64 7.03 10.31
N PRO A 223 -8.97 8.17 9.74
CA PRO A 223 -8.07 8.81 8.78
C PRO A 223 -6.89 9.45 9.50
N ASN A 224 -5.81 9.63 8.76
CA ASN A 224 -4.67 10.39 9.27
C ASN A 224 -4.92 11.88 9.06
N GLY A 225 -3.91 12.70 9.36
CA GLY A 225 -4.11 14.14 9.37
C GLY A 225 -4.42 14.76 8.02
N TYR A 226 -4.14 14.05 6.93
CA TYR A 226 -4.49 14.50 5.59
C TYR A 226 -5.79 13.89 5.09
N GLY A 227 -6.44 13.02 5.86
CA GLY A 227 -7.68 12.39 5.40
C GLY A 227 -7.50 11.06 4.70
N LEU A 228 -6.37 10.39 4.90
CA LEU A 228 -6.08 9.12 4.26
C LEU A 228 -6.43 7.96 5.17
N TYR A 229 -7.05 6.93 4.59
CA TYR A 229 -7.46 5.72 5.31
C TYR A 229 -6.55 4.56 4.97
N ASN A 230 -6.18 3.79 6.00
CA ASN A 230 -5.44 2.54 5.84
C ASN A 230 -4.15 2.72 5.08
N ILE A 231 -3.51 3.87 5.26
CA ILE A 231 -2.23 4.12 4.60
CA ILE A 231 -2.23 4.11 4.59
C ILE A 231 -1.17 3.18 5.16
N VAL A 232 -1.23 2.86 6.45
CA VAL A 232 -0.48 1.72 6.98
C VAL A 232 -1.47 0.61 7.28
N GLY A 233 -1.03 -0.64 7.07
CA GLY A 233 -1.89 -1.78 7.26
C GLY A 233 -2.88 -2.01 6.12
N ASN A 234 -3.73 -3.03 6.33
CA ASN A 234 -4.71 -3.49 5.36
C ASN A 234 -4.01 -4.11 4.16
N ALA A 235 -3.95 -3.42 3.02
CA ALA A 235 -3.14 -3.88 1.90
C ALA A 235 -1.85 -3.07 1.84
N TRP A 236 -0.75 -3.74 1.52
CA TRP A 236 0.45 -3.07 1.01
C TRP A 236 0.11 -2.25 -0.22
N GLU A 237 0.96 -1.27 -0.52
CA GLU A 237 0.64 -0.31 -1.58
C GLU A 237 1.83 -0.10 -2.50
N TRP A 238 1.63 -0.35 -3.79
CA TRP A 238 2.65 -0.09 -4.79
C TRP A 238 2.93 1.40 -4.90
N THR A 239 4.19 1.75 -5.16
CA THR A 239 4.58 3.09 -5.61
C THR A 239 5.34 2.98 -6.93
N SER A 240 5.62 4.15 -7.52
CA SER A 240 6.20 4.18 -8.86
C SER A 240 7.71 3.95 -8.88
N ASP A 241 8.39 4.07 -7.75
CA ASP A 241 9.85 4.05 -7.74
C ASP A 241 10.43 2.65 -7.98
N TRP A 242 11.53 2.60 -8.73
CA TRP A 242 12.46 1.48 -8.66
C TRP A 242 13.08 1.43 -7.26
N TRP A 243 13.36 0.20 -6.80
CA TRP A 243 13.90 -0.02 -5.47
C TRP A 243 15.41 0.16 -5.46
N THR A 244 15.90 0.92 -4.49
CA THR A 244 17.29 0.85 -4.06
C THR A 244 17.33 0.97 -2.54
N VAL A 245 18.44 0.53 -1.95
CA VAL A 245 18.68 0.75 -0.53
C VAL A 245 19.72 1.82 -0.27
N HIS A 246 20.26 2.41 -1.33
CA HIS A 246 21.33 3.40 -1.23
C HIS A 246 20.72 4.76 -1.52
N HIS A 247 20.62 5.59 -0.46
N HIS A 247 20.60 5.59 -0.49
CA HIS A 247 20.09 6.94 -0.54
CA HIS A 247 19.99 6.89 -0.73
C HIS A 247 21.09 7.91 0.06
C HIS A 247 21.07 7.96 -0.82
N SER A 248 21.11 9.14 -0.47
N SER A 248 20.92 8.98 0.01
CA SER A 248 21.97 10.20 0.02
CA SER A 248 21.82 10.12 0.08
C SER A 248 21.23 11.12 0.98
C SER A 248 21.18 11.08 1.08
N VAL A 249 22.00 11.88 1.77
CA VAL A 249 21.44 12.85 2.70
C VAL A 249 21.18 14.20 2.06
N GLU A 250 21.46 14.35 0.76
CA GLU A 250 21.24 15.63 0.11
C GLU A 250 19.75 15.90 0.00
N GLU A 251 19.41 17.19 -0.03
CA GLU A 251 18.02 17.60 -0.13
C GLU A 251 17.56 17.48 -1.58
N THR A 252 16.37 16.92 -1.77
CA THR A 252 15.83 16.66 -3.10
C THR A 252 14.44 17.28 -3.24
N LEU A 253 14.04 17.46 -4.49
CA LEU A 253 12.75 18.05 -4.84
C LEU A 253 12.01 17.07 -5.74
N ASN A 254 10.82 16.66 -5.31
CA ASN A 254 9.99 15.70 -6.03
C ASN A 254 10.79 14.53 -6.56
N PRO A 255 11.57 13.84 -5.72
CA PRO A 255 12.40 12.74 -6.22
C PRO A 255 11.58 11.58 -6.74
N LYS A 256 12.12 10.91 -7.76
CA LYS A 256 11.44 9.84 -8.45
C LYS A 256 12.03 8.47 -8.17
N GLY A 257 13.12 8.40 -7.41
CA GLY A 257 13.82 7.14 -7.22
C GLY A 257 14.89 6.95 -8.27
N PRO A 258 15.56 5.81 -8.23
CA PRO A 258 16.65 5.56 -9.17
C PRO A 258 16.11 5.34 -10.58
N PRO A 259 16.91 5.63 -11.60
CA PRO A 259 16.43 5.54 -12.99
C PRO A 259 16.27 4.11 -13.48
N SER A 260 16.84 3.14 -12.80
CA SER A 260 16.77 1.74 -13.20
C SER A 260 16.66 0.87 -11.95
N GLY A 261 16.28 -0.37 -12.17
CA GLY A 261 16.18 -1.34 -11.10
C GLY A 261 15.53 -2.59 -11.61
N LYS A 262 15.32 -3.53 -10.70
CA LYS A 262 14.58 -4.74 -11.01
C LYS A 262 13.31 -4.93 -10.20
N ASP A 263 13.18 -4.25 -9.06
CA ASP A 263 11.99 -4.34 -8.24
CA ASP A 263 12.00 -4.34 -8.22
C ASP A 263 11.45 -2.95 -7.99
N ARG A 264 10.13 -2.86 -7.83
CA ARG A 264 9.49 -1.60 -7.54
C ARG A 264 9.18 -1.52 -6.05
N VAL A 265 9.10 -0.30 -5.52
CA VAL A 265 8.92 -0.11 -4.09
C VAL A 265 7.45 -0.26 -3.72
N LYS A 266 7.17 -0.99 -2.63
CA LYS A 266 5.87 -1.00 -1.98
C LYS A 266 6.00 -0.47 -0.56
N LYS A 267 4.90 0.06 -0.03
CA LYS A 267 4.93 0.72 1.27
C LYS A 267 3.70 0.36 2.10
N GLY A 268 3.85 0.50 3.41
CA GLY A 268 2.73 0.63 4.32
C GLY A 268 2.42 -0.60 5.16
N GLY A 269 2.87 -1.78 4.77
CA GLY A 269 2.50 -2.97 5.51
C GLY A 269 1.04 -3.34 5.28
N SER A 270 0.62 -4.43 5.93
CA SER A 270 -0.65 -5.07 5.61
C SER A 270 -1.25 -5.71 6.86
N TYR A 271 -2.42 -6.32 6.66
CA TYR A 271 -3.12 -7.07 7.70
C TYR A 271 -2.30 -8.24 8.23
N MET A 272 -1.20 -8.58 7.59
CA MET A 272 -0.35 -9.67 8.07
CA MET A 272 -0.34 -9.66 8.03
C MET A 272 0.76 -9.20 8.99
N CYS A 273 1.04 -7.90 9.04
CA CYS A 273 2.22 -7.43 9.75
C CYS A 273 2.10 -7.59 11.25
N HIS A 274 3.23 -7.92 11.87
CA HIS A 274 3.33 -7.94 13.32
C HIS A 274 4.76 -7.57 13.70
N ARG A 275 4.88 -6.86 14.83
CA ARG A 275 6.19 -6.46 15.36
C ARG A 275 7.16 -7.64 15.45
N SER A 276 6.64 -8.85 15.64
CA SER A 276 7.48 -10.01 15.91
C SER A 276 8.26 -10.50 14.69
N TYR A 277 7.82 -10.17 13.47
CA TYR A 277 8.48 -10.72 12.30
C TYR A 277 8.48 -9.79 11.10
N CYS A 278 7.55 -8.83 11.04
CA CYS A 278 7.43 -7.96 9.87
C CYS A 278 6.88 -6.61 10.35
N TYR A 279 7.80 -5.74 10.76
CA TYR A 279 7.49 -4.48 11.42
C TYR A 279 7.43 -3.36 10.39
N ARG A 280 6.53 -3.51 9.43
CA ARG A 280 6.54 -2.63 8.27
C ARG A 280 5.29 -1.77 8.14
N TYR A 281 4.48 -1.65 9.19
CA TYR A 281 3.35 -0.74 9.24
C TYR A 281 3.75 0.63 9.79
N ARG A 282 4.97 1.07 9.45
CA ARG A 282 5.47 2.42 9.72
C ARG A 282 5.65 3.15 8.40
N CYS A 283 5.54 4.49 8.44
CA CYS A 283 5.66 5.24 7.20
C CYS A 283 7.06 5.14 6.60
N ALA A 284 8.09 5.03 7.46
CA ALA A 284 9.46 4.93 7.00
C ALA A 284 9.78 3.57 6.41
N ALA A 285 8.99 2.55 6.73
CA ALA A 285 9.27 1.21 6.26
C ALA A 285 9.13 1.12 4.74
N ARG A 286 9.74 0.08 4.17
CA ARG A 286 9.72 -0.08 2.71
C ARG A 286 10.11 -1.50 2.35
N SER A 287 9.51 -1.99 1.26
CA SER A 287 9.83 -3.31 0.72
C SER A 287 9.73 -3.24 -0.80
N GLN A 288 9.84 -4.38 -1.47
CA GLN A 288 9.95 -4.39 -2.91
C GLN A 288 9.46 -5.70 -3.48
N ASN A 289 9.09 -5.67 -4.76
CA ASN A 289 8.72 -6.88 -5.51
C ASN A 289 8.94 -6.59 -7.00
N THR A 290 9.17 -7.64 -7.77
CA THR A 290 9.23 -7.46 -9.22
C THR A 290 7.87 -6.96 -9.72
N PRO A 291 7.86 -6.11 -10.74
CA PRO A 291 6.60 -5.45 -11.13
C PRO A 291 5.52 -6.39 -11.65
N ASP A 292 5.86 -7.61 -12.07
CA ASP A 292 4.84 -8.57 -12.51
C ASP A 292 4.32 -9.47 -11.39
N SER A 293 4.77 -9.25 -10.15
N SER A 293 4.77 -9.27 -10.16
CA SER A 293 4.40 -10.06 -9.00
CA SER A 293 4.36 -10.15 -9.07
C SER A 293 3.05 -9.61 -8.43
C SER A 293 3.11 -9.61 -8.37
N SER A 294 2.42 -10.52 -7.67
CA SER A 294 1.17 -10.19 -7.01
C SER A 294 1.00 -11.11 -5.79
N ALA A 295 0.17 -10.68 -4.84
CA ALA A 295 -0.04 -11.45 -3.63
C ALA A 295 -1.33 -11.03 -2.94
N SER A 296 -1.76 -11.88 -2.00
CA SER A 296 -3.04 -11.70 -1.31
C SER A 296 -3.01 -10.58 -0.29
N ASN A 297 -1.88 -9.88 -0.11
CA ASN A 297 -1.81 -8.77 0.83
C ASN A 297 -1.33 -7.47 0.19
N LEU A 298 -1.42 -7.37 -1.14
CA LEU A 298 -0.79 -6.28 -1.88
C LEU A 298 -1.79 -5.62 -2.83
N GLY A 299 -2.02 -4.33 -2.62
CA GLY A 299 -2.90 -3.50 -3.40
C GLY A 299 -2.22 -2.20 -3.76
N PHE A 300 -3.02 -1.13 -3.84
CA PHE A 300 -2.46 0.16 -4.22
C PHE A 300 -3.51 1.24 -4.05
N ARG A 301 -3.03 2.49 -4.10
CA ARG A 301 -3.88 3.66 -4.29
C ARG A 301 -3.22 4.58 -5.32
N CYS A 302 -4.01 5.49 -5.92
CA CYS A 302 -3.49 6.38 -6.94
C CYS A 302 -3.24 7.78 -6.39
N ALA A 303 -2.49 8.56 -7.18
CA ALA A 303 -2.20 9.97 -6.92
C ALA A 303 -2.37 10.74 -8.22
N ALA A 304 -2.32 12.07 -8.13
CA ALA A 304 -2.42 12.88 -9.35
C ALA A 304 -1.89 14.28 -9.07
N ASP A 305 -1.27 14.87 -10.11
CA ASP A 305 -0.83 16.27 -10.04
C ASP A 305 -2.01 17.20 -9.78
N ARG A 306 -3.15 16.94 -10.40
CA ARG A 306 -4.34 17.76 -10.29
CA ARG A 306 -4.33 17.75 -10.23
C ARG A 306 -5.56 16.85 -10.33
N LEU A 307 -6.70 17.38 -9.92
CA LEU A 307 -7.92 16.58 -9.92
C LEU A 307 -8.22 16.07 -11.32
N PRO A 308 -8.51 14.77 -11.48
CA PRO A 308 -8.97 14.29 -12.77
C PRO A 308 -10.39 14.75 -13.03
N THR A 309 -10.85 14.53 -14.27
CA THR A 309 -12.17 14.99 -14.69
C THR A 309 -13.24 14.46 -13.74
N MET A 310 -14.18 15.33 -13.37
CA MET A 310 -15.25 14.95 -12.46
CA MET A 310 -15.25 14.95 -12.46
C MET A 310 -16.04 13.78 -13.05
N ASP A 311 -16.12 12.70 -12.29
CA ASP A 311 -16.80 11.48 -12.75
C ASP A 311 -18.29 11.61 -12.45
N SER A 312 -19.00 12.28 -13.35
CA SER A 312 -20.44 12.46 -13.22
C SER A 312 -21.20 11.18 -13.52
#